data_7W5G
#
_entry.id   7W5G
#
_cell.length_a   67.831
_cell.length_b   71.063
_cell.length_c   81.017
_cell.angle_alpha   90.000
_cell.angle_beta   90.000
_cell.angle_gamma   90.000
#
_symmetry.space_group_name_H-M   'P 21 21 21'
#
loop_
_entity.id
_entity.type
_entity.pdbx_description
1 polymer 'Terpene cyclase 6'
2 non-polymer 'SULFATE ION'
3 non-polymer GLYCEROL
4 water water
#
_entity_poly.entity_id   1
_entity_poly.type   'polypeptide(L)'
_entity_poly.pdbx_seq_one_letter_code
;GAGAGAGAGAGMGQPTTTSLFMRDVMFHRMTGTSQAVNDVATLSGERREIIRRALNKKILVPNILELMPAWPSEFQPNID
EVNVEIDEWLKTVNVAKEKKLKHRARGNYTLLAGIYYPHCRKEKMLALSQFLYWIFFWDDEIDTGGELTEDREGTILCCA
ETNKCINDCLGPEPNYTPPPGSRGTVEMLYPILRDLRAGLSPVSTMRLKQELHDYVNGVKNQQKVRQEDHLPNPWDHFQM
RVDDVGVIPSITQNEYAMDFTLPDWIRRHEAMEEIVLQCTKLTILLNEILSLQKEFRVSQLENLCLLFMNTYDMSIEQSI
HKVLGLLKDHYKICIEAEARLPWSTTDEKLNNNIREYIRGCQRLATGTACWSYNCERYFKLSQLNDQQELLLDLSRT
;
_entity_poly.pdbx_strand_id   A
#
# COMPACT_ATOMS: atom_id res chain seq x y z
N THR A 42 14.34 28.43 5.10
CA THR A 42 15.15 27.38 4.49
C THR A 42 14.59 26.00 4.83
N LEU A 43 15.06 24.98 4.11
CA LEU A 43 14.67 23.61 4.45
C LEU A 43 15.08 23.27 5.88
N SER A 44 16.32 23.60 6.26
CA SER A 44 16.81 23.29 7.59
C SER A 44 16.00 23.99 8.68
N GLY A 45 15.67 25.27 8.47
CA GLY A 45 14.88 25.98 9.46
C GLY A 45 13.47 25.43 9.60
N GLU A 46 12.83 25.12 8.47
CA GLU A 46 11.49 24.54 8.50
C GLU A 46 11.48 23.20 9.24
N ARG A 47 12.43 22.33 8.91
CA ARG A 47 12.52 21.04 9.58
C ARG A 47 12.73 21.23 11.08
N ARG A 48 13.67 22.11 11.44
CA ARG A 48 13.96 22.40 12.84
C ARG A 48 12.71 22.80 13.59
N GLU A 49 11.84 23.59 12.94
CA GLU A 49 10.65 24.11 13.61
C GLU A 49 9.57 23.04 13.76
N ILE A 50 9.39 22.19 12.75
CA ILE A 50 8.37 21.14 12.86
C ILE A 50 8.76 20.14 13.93
N ILE A 51 10.04 19.75 13.97
CA ILE A 51 10.50 18.86 15.04
C ILE A 51 10.24 19.50 16.40
N ARG A 52 10.47 20.80 16.52
CA ARG A 52 10.26 21.48 17.80
C ARG A 52 8.80 21.39 18.23
N ARG A 53 7.88 21.67 17.31
CA ARG A 53 6.47 21.74 17.67
C ARG A 53 5.84 20.38 17.91
N ALA A 54 6.41 19.31 17.34
CA ALA A 54 5.85 17.97 17.50
C ALA A 54 6.65 17.09 18.46
N LEU A 55 7.86 17.51 18.84
CA LEU A 55 8.71 16.67 19.67
C LEU A 55 8.00 16.24 20.93
N ASN A 56 8.03 14.92 21.20
CA ASN A 56 7.56 14.30 22.43
C ASN A 56 6.04 14.36 22.59
N LYS A 57 5.32 14.83 21.57
CA LYS A 57 3.86 14.88 21.65
C LYS A 57 3.27 13.49 21.74
N LYS A 58 2.22 13.35 22.53
CA LYS A 58 1.37 12.18 22.57
C LYS A 58 0.02 12.54 22.01
N ILE A 59 -0.50 11.69 21.11
CA ILE A 59 -1.79 11.92 20.48
C ILE A 59 -2.60 10.63 20.59
N LEU A 60 -3.81 10.74 21.13
CA LEU A 60 -4.71 9.59 21.24
C LEU A 60 -5.59 9.56 20.00
N VAL A 61 -5.41 8.53 19.16
CA VAL A 61 -6.07 8.45 17.87
C VAL A 61 -7.24 7.45 17.98
N PRO A 62 -8.46 7.85 17.64
CA PRO A 62 -9.59 6.90 17.69
C PRO A 62 -9.42 5.78 16.68
N ASN A 63 -10.22 4.72 16.87
CA ASN A 63 -10.21 3.57 15.99
C ASN A 63 -10.68 3.99 14.62
N ILE A 64 -9.77 3.99 13.63
CA ILE A 64 -10.11 4.48 12.31
C ILE A 64 -11.19 3.62 11.65
N LEU A 65 -11.28 2.33 12.01
CA LEU A 65 -12.30 1.50 11.38
C LEU A 65 -13.72 1.97 11.70
N GLU A 66 -13.91 2.68 12.81
CA GLU A 66 -15.22 3.27 13.10
C GLU A 66 -15.65 4.30 12.07
N LEU A 67 -14.70 4.86 11.30
CA LEU A 67 -15.08 5.83 10.28
C LEU A 67 -15.57 5.22 8.98
N MET A 68 -15.44 3.89 8.81
CA MET A 68 -15.94 3.19 7.63
C MET A 68 -16.86 2.05 8.06
N PRO A 69 -17.95 2.38 8.75
CA PRO A 69 -18.70 1.33 9.48
C PRO A 69 -19.44 0.33 8.61
N ALA A 70 -19.82 0.69 7.38
CA ALA A 70 -20.52 -0.27 6.53
C ALA A 70 -19.59 -1.25 5.84
N TRP A 71 -18.28 -1.11 6.03
CA TRP A 71 -17.28 -1.92 5.34
C TRP A 71 -16.60 -2.87 6.32
N PRO A 72 -17.00 -4.13 6.38
CA PRO A 72 -16.50 -5.01 7.46
C PRO A 72 -15.13 -5.58 7.14
N SER A 73 -14.40 -5.90 8.22
CA SER A 73 -13.10 -6.57 8.13
C SER A 73 -13.25 -8.04 8.50
N GLU A 74 -12.56 -8.90 7.78
CA GLU A 74 -12.52 -10.32 8.09
C GLU A 74 -11.11 -10.85 7.84
N PHE A 75 -10.86 -12.07 8.31
CA PHE A 75 -9.53 -12.68 8.25
C PHE A 75 -9.62 -14.00 7.49
N GLN A 76 -8.80 -14.16 6.45
CA GLN A 76 -8.80 -15.41 5.70
C GLN A 76 -8.48 -16.56 6.66
N PRO A 77 -9.23 -17.68 6.61
CA PRO A 77 -9.14 -18.65 7.72
C PRO A 77 -7.88 -19.48 7.76
N ASN A 78 -6.99 -19.38 6.78
CA ASN A 78 -5.81 -20.24 6.72
C ASN A 78 -4.52 -19.46 6.92
N ILE A 79 -4.58 -18.26 7.50
CA ILE A 79 -3.39 -17.41 7.58
C ILE A 79 -2.23 -18.15 8.24
N ASP A 80 -2.50 -18.86 9.34
CA ASP A 80 -1.42 -19.51 10.09
C ASP A 80 -0.74 -20.57 9.23
N GLU A 81 -1.53 -21.43 8.58
CA GLU A 81 -0.95 -22.48 7.73
C GLU A 81 -0.17 -21.88 6.55
N VAL A 82 -0.66 -20.78 5.99
CA VAL A 82 0.07 -20.15 4.90
C VAL A 82 1.39 -19.58 5.41
N ASN A 83 1.39 -19.05 6.63
CA ASN A 83 2.63 -18.52 7.20
C ASN A 83 3.67 -19.61 7.39
N VAL A 84 3.25 -20.85 7.72
CA VAL A 84 4.21 -21.95 7.76
C VAL A 84 4.88 -22.12 6.41
N GLU A 85 4.09 -22.07 5.33
CA GLU A 85 4.66 -22.18 3.99
C GLU A 85 5.53 -20.96 3.66
N ILE A 86 5.10 -19.79 4.09
CA ILE A 86 5.86 -18.57 3.81
C ILE A 86 7.22 -18.62 4.52
N ASP A 87 7.24 -19.14 5.75
CA ASP A 87 8.50 -19.23 6.47
C ASP A 87 9.49 -20.15 5.76
N GLU A 88 9.00 -21.26 5.21
CA GLU A 88 9.88 -22.13 4.45
C GLU A 88 10.37 -21.45 3.17
N TRP A 89 9.46 -20.76 2.49
CA TRP A 89 9.83 -20.04 1.27
C TRP A 89 10.85 -18.93 1.52
N LEU A 90 10.72 -18.22 2.65
CA LEU A 90 11.63 -17.10 2.92
C LEU A 90 13.08 -17.55 3.06
N LYS A 91 13.31 -18.82 3.43
CA LYS A 91 14.67 -19.34 3.46
C LYS A 91 15.36 -19.22 2.11
N THR A 92 14.60 -19.33 1.02
CA THR A 92 15.14 -19.30 -0.35
C THR A 92 15.29 -17.88 -0.91
N VAL A 93 14.82 -16.86 -0.22
CA VAL A 93 14.83 -15.50 -0.74
C VAL A 93 16.20 -14.87 -0.45
N ASN A 94 16.81 -14.29 -1.48
CA ASN A 94 18.14 -13.70 -1.36
C ASN A 94 18.04 -12.24 -0.92
N VAL A 95 17.52 -12.10 0.30
CA VAL A 95 17.48 -10.86 1.06
C VAL A 95 18.14 -11.15 2.39
N ALA A 96 18.82 -10.15 2.96
CA ALA A 96 19.60 -10.37 4.18
C ALA A 96 18.75 -10.98 5.28
N LYS A 97 19.32 -11.93 6.01
CA LYS A 97 18.57 -12.66 7.02
C LYS A 97 17.96 -11.73 8.06
N GLU A 98 18.72 -10.72 8.52
CA GLU A 98 18.15 -9.86 9.56
C GLU A 98 16.98 -9.07 9.03
N LYS A 99 17.04 -8.67 7.75
CA LYS A 99 15.92 -7.97 7.13
C LYS A 99 14.71 -8.90 6.98
N LYS A 100 14.94 -10.15 6.54
CA LYS A 100 13.81 -11.06 6.38
C LYS A 100 13.11 -11.34 7.71
N LEU A 101 13.89 -11.52 8.78
CA LEU A 101 13.31 -11.79 10.09
C LEU A 101 12.48 -10.62 10.60
N LYS A 102 12.97 -9.40 10.40
CA LYS A 102 12.27 -8.24 10.92
C LYS A 102 10.97 -8.00 10.17
N HIS A 103 11.00 -8.10 8.84
CA HIS A 103 9.76 -7.98 8.08
C HIS A 103 8.76 -9.05 8.48
N ARG A 104 9.22 -10.29 8.64
CA ARG A 104 8.31 -11.38 8.98
C ARG A 104 7.66 -11.16 10.33
N ALA A 105 8.44 -10.72 11.33
CA ALA A 105 7.90 -10.56 12.67
C ALA A 105 7.02 -9.31 12.78
N ARG A 106 7.54 -8.16 12.36
CA ARG A 106 6.84 -6.89 12.56
C ARG A 106 5.87 -6.57 11.45
N GLY A 107 6.17 -6.98 10.22
CA GLY A 107 5.26 -6.76 9.11
C GLY A 107 4.24 -7.86 8.92
N ASN A 108 4.69 -9.12 8.87
CA ASN A 108 3.78 -10.26 8.84
C ASN A 108 2.76 -10.13 7.70
N TYR A 109 3.27 -10.02 6.47
CA TYR A 109 2.39 -9.62 5.36
C TYR A 109 1.41 -10.71 4.93
N THR A 110 1.60 -11.96 5.34
CA THR A 110 0.56 -12.96 5.12
C THR A 110 -0.75 -12.54 5.78
N LEU A 111 -0.66 -11.93 6.96
CA LEU A 111 -1.83 -11.37 7.63
C LEU A 111 -2.48 -10.27 6.80
N LEU A 112 -1.66 -9.37 6.24
CA LEU A 112 -2.19 -8.33 5.37
C LEU A 112 -2.94 -8.94 4.19
N ALA A 113 -2.33 -9.93 3.53
CA ALA A 113 -3.03 -10.60 2.43
C ALA A 113 -4.32 -11.24 2.92
N GLY A 114 -4.29 -11.83 4.13
CA GLY A 114 -5.48 -12.49 4.65
C GLY A 114 -6.61 -11.53 4.99
N ILE A 115 -6.29 -10.25 5.22
CA ILE A 115 -7.34 -9.26 5.47
C ILE A 115 -7.82 -8.64 4.17
N TYR A 116 -6.90 -8.39 3.23
CA TYR A 116 -7.30 -7.90 1.91
C TYR A 116 -8.18 -8.90 1.19
N TYR A 117 -7.93 -10.20 1.39
CA TYR A 117 -8.53 -11.26 0.60
C TYR A 117 -9.14 -12.32 1.52
N PRO A 118 -10.11 -11.94 2.34
CA PRO A 118 -10.56 -12.84 3.42
C PRO A 118 -11.36 -14.02 2.92
N HIS A 119 -11.87 -13.99 1.69
CA HIS A 119 -12.76 -15.05 1.21
C HIS A 119 -12.13 -15.88 0.11
N CYS A 120 -10.84 -15.71 -0.15
CA CYS A 120 -10.21 -16.50 -1.20
C CYS A 120 -9.97 -17.92 -0.72
N ARG A 121 -9.88 -18.84 -1.67
CA ARG A 121 -9.52 -20.21 -1.35
C ARG A 121 -8.04 -20.27 -0.95
N LYS A 122 -7.72 -21.22 -0.07
CA LYS A 122 -6.38 -21.29 0.51
C LYS A 122 -5.29 -21.30 -0.56
N GLU A 123 -5.55 -21.96 -1.70
CA GLU A 123 -4.54 -22.07 -2.75
C GLU A 123 -4.08 -20.70 -3.28
N LYS A 124 -4.92 -19.66 -3.15
CA LYS A 124 -4.53 -18.35 -3.66
C LYS A 124 -3.63 -17.58 -2.70
N MET A 125 -3.57 -17.98 -1.44
CA MET A 125 -2.92 -17.15 -0.43
C MET A 125 -1.41 -17.08 -0.61
N LEU A 126 -0.75 -18.14 -1.09
CA LEU A 126 0.70 -18.14 -1.10
C LEU A 126 1.24 -17.05 -2.03
N ALA A 127 0.76 -17.00 -3.28
CA ALA A 127 1.24 -15.98 -4.22
C ALA A 127 0.92 -14.57 -3.72
N LEU A 128 -0.28 -14.37 -3.18
CA LEU A 128 -0.66 -13.05 -2.70
C LEU A 128 0.25 -12.62 -1.54
N SER A 129 0.58 -13.55 -0.65
CA SER A 129 1.45 -13.21 0.46
C SER A 129 2.89 -12.98 0.01
N GLN A 130 3.37 -13.80 -0.93
CA GLN A 130 4.70 -13.61 -1.48
C GLN A 130 4.84 -12.24 -2.13
N PHE A 131 3.82 -11.82 -2.88
CA PHE A 131 3.90 -10.52 -3.54
C PHE A 131 4.12 -9.41 -2.53
N LEU A 132 3.41 -9.45 -1.39
CA LEU A 132 3.57 -8.40 -0.40
C LEU A 132 4.96 -8.42 0.21
N TYR A 133 5.52 -9.60 0.48
CA TYR A 133 6.91 -9.65 0.90
C TYR A 133 7.83 -9.02 -0.14
N TRP A 134 7.59 -9.28 -1.44
CA TRP A 134 8.41 -8.63 -2.45
C TRP A 134 8.30 -7.11 -2.36
N ILE A 135 7.08 -6.58 -2.31
CA ILE A 135 7.00 -5.13 -2.49
C ILE A 135 7.54 -4.42 -1.24
N PHE A 136 7.38 -5.00 -0.06
CA PHE A 136 7.95 -4.36 1.12
C PHE A 136 9.47 -4.48 1.16
N PHE A 137 10.01 -5.64 0.75
CA PHE A 137 11.47 -5.78 0.65
C PHE A 137 12.04 -4.79 -0.35
N TRP A 138 11.39 -4.67 -1.51
CA TRP A 138 11.88 -3.82 -2.58
C TRP A 138 11.77 -2.36 -2.19
N ASP A 139 10.61 -1.97 -1.64
CA ASP A 139 10.43 -0.58 -1.21
C ASP A 139 11.44 -0.19 -0.15
N ASP A 140 11.82 -1.14 0.72
CA ASP A 140 12.78 -0.88 1.79
C ASP A 140 14.10 -0.34 1.27
N GLU A 141 14.53 -0.77 0.07
CA GLU A 141 15.81 -0.33 -0.45
C GLU A 141 15.73 1.01 -1.18
N ILE A 142 14.54 1.52 -1.44
CA ILE A 142 14.43 2.64 -2.34
C ILE A 142 13.50 3.70 -1.75
N ASP A 143 13.09 3.52 -0.50
CA ASP A 143 12.30 4.55 0.17
C ASP A 143 13.23 5.57 0.83
N THR A 144 12.64 6.52 1.55
CA THR A 144 13.35 7.73 1.97
C THR A 144 14.59 7.44 2.80
N GLY A 145 14.67 6.28 3.45
CA GLY A 145 15.88 5.90 4.17
C GLY A 145 16.73 4.85 3.50
N GLY A 146 16.44 4.48 2.24
CA GLY A 146 17.03 3.30 1.65
C GLY A 146 18.41 3.51 1.04
N GLU A 147 19.08 2.36 0.83
CA GLU A 147 20.40 2.32 0.22
C GLU A 147 20.44 3.05 -1.13
N LEU A 148 19.42 2.84 -1.95
CA LEU A 148 19.43 3.30 -3.34
C LEU A 148 18.90 4.72 -3.51
N THR A 149 18.30 5.30 -2.47
CA THR A 149 17.49 6.50 -2.64
C THR A 149 18.32 7.72 -3.01
N GLU A 150 19.55 7.82 -2.49
CA GLU A 150 20.37 8.99 -2.72
C GLU A 150 21.46 8.73 -3.75
N ASP A 151 21.31 7.71 -4.58
CA ASP A 151 22.26 7.41 -5.65
C ASP A 151 21.49 7.38 -6.96
N ARG A 152 21.97 8.15 -7.96
CA ARG A 152 21.27 8.22 -9.24
C ARG A 152 21.21 6.85 -9.90
N GLU A 153 22.36 6.20 -10.07
CA GLU A 153 22.38 4.86 -10.67
C GLU A 153 21.67 3.85 -9.77
N GLY A 154 21.81 3.98 -8.45
CA GLY A 154 21.15 3.03 -7.57
C GLY A 154 19.67 2.94 -7.83
N THR A 155 19.01 4.09 -7.93
CA THR A 155 17.57 4.11 -8.21
C THR A 155 17.29 3.76 -9.66
N ILE A 156 18.00 4.41 -10.59
CA ILE A 156 17.66 4.25 -12.01
C ILE A 156 17.91 2.82 -12.48
N LEU A 157 19.02 2.22 -12.08
CA LEU A 157 19.31 0.87 -12.57
C LEU A 157 18.39 -0.17 -11.91
N CYS A 158 18.06 0.02 -10.63
CA CYS A 158 17.09 -0.86 -9.99
C CYS A 158 15.73 -0.78 -10.70
N CYS A 159 15.28 0.44 -10.99
CA CYS A 159 14.00 0.59 -11.67
C CYS A 159 14.04 -0.05 -13.06
N ALA A 160 15.15 0.13 -13.78
CA ALA A 160 15.27 -0.51 -15.09
C ALA A 160 15.18 -2.04 -14.97
N GLU A 161 15.90 -2.62 -14.01
CA GLU A 161 15.90 -4.07 -13.85
C GLU A 161 14.52 -4.57 -13.42
N THR A 162 13.85 -3.82 -12.54
CA THR A 162 12.54 -4.22 -12.06
C THR A 162 11.48 -4.09 -13.15
N ASN A 163 11.52 -2.99 -13.93
CA ASN A 163 10.60 -2.86 -15.05
C ASN A 163 10.80 -3.96 -16.06
N LYS A 164 12.05 -4.40 -16.27
CA LYS A 164 12.27 -5.47 -17.22
C LYS A 164 11.68 -6.78 -16.72
N CYS A 165 11.79 -7.03 -15.42
CA CYS A 165 11.15 -8.21 -14.84
C CYS A 165 9.65 -8.17 -15.07
N ILE A 166 9.01 -7.04 -14.81
CA ILE A 166 7.57 -6.92 -15.02
C ILE A 166 7.23 -7.19 -16.48
N ASN A 167 8.05 -6.67 -17.39
CA ASN A 167 7.80 -6.91 -18.81
C ASN A 167 8.03 -8.37 -19.17
N ASP A 168 9.13 -8.94 -18.67
CA ASP A 168 9.46 -10.35 -18.94
C ASP A 168 8.33 -11.28 -18.49
N CYS A 169 7.68 -10.97 -17.37
CA CYS A 169 6.71 -11.91 -16.81
C CYS A 169 5.28 -11.66 -17.27
N LEU A 170 4.90 -10.40 -17.51
CA LEU A 170 3.50 -10.05 -17.78
C LEU A 170 3.24 -9.61 -19.21
N GLY A 171 4.27 -9.50 -20.06
CA GLY A 171 4.09 -9.11 -21.44
C GLY A 171 3.74 -10.29 -22.34
N PRO A 172 3.62 -10.02 -23.64
CA PRO A 172 3.07 -11.06 -24.53
C PRO A 172 4.07 -12.11 -24.98
N GLU A 173 5.34 -12.05 -24.59
CA GLU A 173 6.29 -13.13 -24.86
C GLU A 173 7.07 -13.39 -23.60
N PRO A 174 6.45 -14.04 -22.62
CA PRO A 174 7.04 -14.07 -21.28
C PRO A 174 8.24 -15.01 -21.19
N ASN A 175 9.17 -14.63 -20.33
CA ASN A 175 10.30 -15.46 -19.95
C ASN A 175 10.43 -15.32 -18.44
N TYR A 176 10.10 -16.37 -17.70
CA TYR A 176 10.06 -16.30 -16.25
C TYR A 176 11.39 -16.59 -15.57
N THR A 177 12.43 -16.91 -16.34
CA THR A 177 13.70 -17.27 -15.74
C THR A 177 14.49 -16.02 -15.38
N PRO A 178 14.80 -15.79 -14.11
CA PRO A 178 15.60 -14.62 -13.73
C PRO A 178 16.93 -14.61 -14.45
N PRO A 179 17.34 -13.46 -14.98
CA PRO A 179 18.67 -13.34 -15.62
C PRO A 179 19.77 -13.68 -14.63
N PRO A 180 20.92 -14.16 -15.12
CA PRO A 180 21.97 -14.61 -14.19
C PRO A 180 22.42 -13.57 -13.18
N GLY A 181 22.46 -12.29 -13.56
CA GLY A 181 22.89 -11.25 -12.64
C GLY A 181 21.80 -10.66 -11.77
N SER A 182 20.62 -11.28 -11.76
CA SER A 182 19.45 -10.72 -11.10
C SER A 182 19.72 -10.47 -9.62
N ARG A 183 19.42 -9.25 -9.18
CA ARG A 183 19.56 -8.96 -7.75
C ARG A 183 18.44 -9.63 -6.96
N GLY A 184 18.67 -9.79 -5.66
CA GLY A 184 17.75 -10.58 -4.84
C GLY A 184 16.31 -10.07 -4.87
N THR A 185 16.12 -8.77 -4.78
CA THR A 185 14.76 -8.24 -4.74
C THR A 185 14.08 -8.20 -6.10
N VAL A 186 14.77 -8.55 -7.19
CA VAL A 186 14.13 -8.74 -8.49
C VAL A 186 14.03 -10.23 -8.83
N GLU A 187 15.08 -11.00 -8.54
CA GLU A 187 15.05 -12.43 -8.75
C GLU A 187 13.81 -13.07 -8.15
N MET A 188 13.42 -12.65 -6.94
CA MET A 188 12.27 -13.22 -6.26
C MET A 188 10.96 -12.85 -6.93
N LEU A 189 10.94 -11.75 -7.71
CA LEU A 189 9.70 -11.28 -8.30
C LEU A 189 9.27 -12.15 -9.48
N TYR A 190 10.23 -12.76 -10.20
CA TYR A 190 9.91 -13.55 -11.38
C TYR A 190 8.91 -14.66 -11.11
N PRO A 191 9.13 -15.58 -10.17
CA PRO A 191 8.13 -16.64 -9.94
C PRO A 191 6.83 -16.12 -9.37
N ILE A 192 6.88 -15.01 -8.62
CA ILE A 192 5.64 -14.44 -8.06
C ILE A 192 4.73 -13.97 -9.20
N LEU A 193 5.29 -13.20 -10.15
CA LEU A 193 4.48 -12.72 -11.25
C LEU A 193 4.02 -13.87 -12.14
N ARG A 194 4.87 -14.89 -12.32
CA ARG A 194 4.47 -16.09 -13.05
C ARG A 194 3.24 -16.72 -12.42
N ASP A 195 3.27 -16.87 -11.09
CA ASP A 195 2.16 -17.53 -10.40
C ASP A 195 0.90 -16.67 -10.43
N LEU A 196 1.03 -15.35 -10.24
CA LEU A 196 -0.14 -14.49 -10.30
C LEU A 196 -0.75 -14.52 -11.70
N ARG A 197 0.10 -14.44 -12.73
CA ARG A 197 -0.43 -14.42 -14.09
C ARG A 197 -1.17 -15.71 -14.41
N ALA A 198 -0.72 -16.83 -13.85
CA ALA A 198 -1.40 -18.11 -14.03
C ALA A 198 -2.83 -18.11 -13.48
N GLY A 199 -3.17 -17.17 -12.60
CA GLY A 199 -4.53 -17.05 -12.11
C GLY A 199 -5.28 -15.83 -12.57
N LEU A 200 -4.77 -15.09 -13.56
CA LEU A 200 -5.36 -13.87 -14.06
C LEU A 200 -5.66 -14.00 -15.55
N SER A 201 -6.79 -13.42 -15.99
CA SER A 201 -7.12 -13.33 -17.40
C SER A 201 -6.17 -12.33 -18.09
N PRO A 202 -6.13 -12.33 -19.42
CA PRO A 202 -5.29 -11.32 -20.10
C PRO A 202 -5.71 -9.89 -19.79
N VAL A 203 -7.01 -9.62 -19.65
CA VAL A 203 -7.44 -8.26 -19.35
C VAL A 203 -6.94 -7.83 -17.97
N SER A 204 -7.11 -8.69 -16.97
CA SER A 204 -6.59 -8.35 -15.64
C SER A 204 -5.07 -8.26 -15.64
N THR A 205 -4.41 -9.10 -16.42
CA THR A 205 -2.95 -9.06 -16.50
C THR A 205 -2.45 -7.71 -17.02
N MET A 206 -3.12 -7.16 -18.04
CA MET A 206 -2.71 -5.85 -18.54
C MET A 206 -2.78 -4.78 -17.45
N ARG A 207 -3.81 -4.85 -16.60
CA ARG A 207 -3.93 -3.87 -15.53
C ARG A 207 -2.83 -4.06 -14.49
N LEU A 208 -2.59 -5.30 -14.08
CA LEU A 208 -1.52 -5.56 -13.11
C LEU A 208 -0.19 -5.07 -13.65
N LYS A 209 0.11 -5.37 -14.91
CA LYS A 209 1.37 -4.97 -15.50
C LYS A 209 1.54 -3.46 -15.46
N GLN A 210 0.54 -2.73 -15.95
CA GLN A 210 0.69 -1.28 -15.99
C GLN A 210 0.75 -0.69 -14.58
N GLU A 211 -0.01 -1.25 -13.65
CA GLU A 211 0.01 -0.70 -12.29
C GLU A 211 1.38 -0.89 -11.66
N LEU A 212 2.04 -2.00 -11.94
CA LEU A 212 3.37 -2.24 -11.41
C LEU A 212 4.40 -1.30 -12.03
N HIS A 213 4.34 -1.11 -13.36
CA HIS A 213 5.20 -0.10 -13.98
C HIS A 213 4.98 1.27 -13.36
N ASP A 214 3.71 1.63 -13.13
CA ASP A 214 3.40 2.93 -12.55
C ASP A 214 4.04 3.10 -11.19
N TYR A 215 3.98 2.05 -10.36
CA TYR A 215 4.61 2.08 -9.05
C TYR A 215 6.13 2.23 -9.17
N VAL A 216 6.77 1.42 -10.01
CA VAL A 216 8.22 1.50 -10.16
C VAL A 216 8.64 2.83 -10.76
N ASN A 217 7.93 3.29 -11.77
CA ASN A 217 8.27 4.59 -12.38
C ASN A 217 8.00 5.74 -11.42
N GLY A 218 6.98 5.61 -10.58
CA GLY A 218 6.75 6.63 -9.55
C GLY A 218 7.95 6.78 -8.65
N VAL A 219 8.54 5.66 -8.22
CA VAL A 219 9.77 5.72 -7.43
C VAL A 219 10.87 6.41 -8.22
N LYS A 220 11.04 6.01 -9.47
CA LYS A 220 12.11 6.58 -10.29
C LYS A 220 11.94 8.08 -10.47
N ASN A 221 10.71 8.52 -10.71
CA ASN A 221 10.47 9.93 -10.97
C ASN A 221 10.43 10.79 -9.70
N GLN A 222 10.32 10.19 -8.51
CA GLN A 222 10.38 10.99 -7.30
C GLN A 222 11.80 11.44 -6.97
N GLN A 223 12.80 10.83 -7.59
CA GLN A 223 14.19 11.20 -7.35
C GLN A 223 14.51 12.37 -8.24
N LYS A 224 14.60 13.56 -7.66
CA LYS A 224 14.80 14.80 -8.41
C LYS A 224 16.29 15.14 -8.44
N VAL A 225 16.81 15.42 -9.63
CA VAL A 225 18.15 15.94 -9.78
C VAL A 225 18.26 17.32 -9.14
N ARG A 226 17.11 17.92 -8.84
CA ARG A 226 16.92 19.34 -8.50
C ARG A 226 16.04 19.39 -7.26
N GLN A 227 16.65 19.42 -6.07
CA GLN A 227 15.87 19.40 -4.84
C GLN A 227 15.52 20.81 -4.38
N GLU A 228 14.28 20.98 -3.92
CA GLU A 228 13.81 22.28 -3.47
C GLU A 228 14.22 22.54 -2.02
N ASP A 229 14.43 23.82 -1.70
CA ASP A 229 14.91 24.22 -0.39
C ASP A 229 13.77 24.45 0.61
N HIS A 230 12.69 23.67 0.52
CA HIS A 230 11.60 23.80 1.47
C HIS A 230 10.75 22.53 1.44
N LEU A 231 10.00 22.33 2.52
CA LEU A 231 9.03 21.25 2.56
C LEU A 231 7.94 21.50 1.53
N PRO A 232 7.42 20.45 0.90
CA PRO A 232 6.44 20.66 -0.18
C PRO A 232 5.11 21.14 0.36
N ASN A 233 4.39 21.88 -0.49
CA ASN A 233 2.99 22.19 -0.26
C ASN A 233 2.22 20.87 -0.08
N PRO A 234 1.34 20.78 0.92
CA PRO A 234 0.59 19.53 1.13
C PRO A 234 -0.15 19.04 -0.11
N TRP A 235 -0.67 19.97 -0.92
CA TRP A 235 -1.40 19.60 -2.14
C TRP A 235 -0.49 18.92 -3.15
N ASP A 236 0.73 19.41 -3.33
CA ASP A 236 1.67 18.76 -4.22
C ASP A 236 2.08 17.38 -3.69
N HIS A 237 2.34 17.28 -2.39
CA HIS A 237 2.72 16.00 -1.80
C HIS A 237 1.60 14.99 -1.92
N PHE A 238 0.38 15.41 -1.60
CA PHE A 238 -0.77 14.51 -1.68
C PHE A 238 -0.96 14.00 -3.12
N GLN A 239 -0.89 14.90 -4.10
CA GLN A 239 -1.00 14.47 -5.49
C GLN A 239 0.04 13.42 -5.85
N MET A 240 1.28 13.63 -5.41
CA MET A 240 2.35 12.67 -5.70
C MET A 240 2.04 11.31 -5.09
N ARG A 241 1.54 11.29 -3.86
CA ARG A 241 1.24 10.02 -3.21
C ARG A 241 0.10 9.29 -3.92
N VAL A 242 -0.91 10.03 -4.38
CA VAL A 242 -2.04 9.39 -5.04
C VAL A 242 -1.62 8.72 -6.33
N ASP A 243 -0.68 9.33 -7.06
CA ASP A 243 -0.25 8.74 -8.31
C ASP A 243 0.73 7.59 -8.11
N ASP A 244 1.56 7.65 -7.06
CA ASP A 244 2.70 6.76 -6.92
C ASP A 244 2.55 5.71 -5.84
N VAL A 245 1.45 5.71 -5.08
CA VAL A 245 1.29 4.68 -4.05
C VAL A 245 1.22 3.31 -4.71
N GLY A 246 1.78 2.31 -4.05
CA GLY A 246 1.85 1.00 -4.67
C GLY A 246 0.70 0.08 -4.36
N VAL A 247 -0.48 0.64 -4.07
CA VAL A 247 -1.59 -0.17 -3.58
C VAL A 247 -2.57 -0.62 -4.67
N ILE A 248 -2.60 0.03 -5.83
CA ILE A 248 -3.56 -0.34 -6.87
C ILE A 248 -3.29 -1.78 -7.31
N PRO A 249 -2.04 -2.26 -7.37
CA PRO A 249 -1.86 -3.69 -7.65
C PRO A 249 -2.57 -4.60 -6.65
N SER A 250 -2.83 -4.14 -5.42
CA SER A 250 -3.56 -4.99 -4.49
C SER A 250 -5.05 -5.08 -4.84
N ILE A 251 -5.62 -4.03 -5.43
CA ILE A 251 -6.99 -4.11 -5.93
C ILE A 251 -7.08 -5.10 -7.09
N THR A 252 -6.15 -5.01 -8.04
CA THR A 252 -6.17 -5.95 -9.15
C THR A 252 -5.94 -7.38 -8.69
N GLN A 253 -5.11 -7.58 -7.67
CA GLN A 253 -4.91 -8.94 -7.19
C GLN A 253 -6.14 -9.54 -6.55
N ASN A 254 -7.17 -8.75 -6.24
CA ASN A 254 -8.41 -9.39 -5.82
C ASN A 254 -9.00 -10.20 -6.96
N GLU A 255 -8.69 -9.85 -8.21
CA GLU A 255 -9.17 -10.67 -9.33
C GLU A 255 -8.45 -12.02 -9.36
N TYR A 256 -7.20 -12.08 -8.90
CA TYR A 256 -6.55 -13.36 -8.67
C TYR A 256 -7.16 -14.08 -7.48
N ALA A 257 -7.30 -13.37 -6.36
CA ALA A 257 -7.79 -13.98 -5.13
C ALA A 257 -9.16 -14.63 -5.34
N MET A 258 -10.06 -13.95 -6.04
CA MET A 258 -11.43 -14.42 -6.18
C MET A 258 -11.75 -14.95 -7.58
N ASP A 259 -10.73 -15.10 -8.42
CA ASP A 259 -10.81 -15.78 -9.73
C ASP A 259 -11.94 -15.22 -10.60
N PHE A 260 -11.83 -13.93 -10.93
CA PHE A 260 -12.81 -13.29 -11.80
C PHE A 260 -12.12 -12.20 -12.60
N THR A 261 -12.85 -11.65 -13.58
CA THR A 261 -12.36 -10.55 -14.41
C THR A 261 -13.40 -9.44 -14.44
N LEU A 262 -13.00 -8.25 -14.04
CA LEU A 262 -13.85 -7.09 -14.29
C LEU A 262 -13.60 -6.58 -15.71
N PRO A 263 -14.63 -6.45 -16.54
CA PRO A 263 -14.43 -5.96 -17.91
C PRO A 263 -13.95 -4.53 -17.93
N ASP A 264 -13.12 -4.22 -18.94
CA ASP A 264 -12.57 -2.87 -19.05
C ASP A 264 -13.68 -1.83 -19.20
N TRP A 265 -14.75 -2.14 -19.93
CA TRP A 265 -15.74 -1.10 -20.16
C TRP A 265 -16.40 -0.66 -18.85
N ILE A 266 -16.46 -1.56 -17.86
CA ILE A 266 -16.93 -1.20 -16.52
C ILE A 266 -15.84 -0.53 -15.71
N ARG A 267 -14.62 -1.07 -15.78
CA ARG A 267 -13.50 -0.47 -15.04
C ARG A 267 -13.28 1.00 -15.44
N ARG A 268 -13.63 1.37 -16.67
CA ARG A 268 -13.48 2.75 -17.12
C ARG A 268 -14.71 3.63 -16.86
N HIS A 269 -15.77 3.05 -16.31
CA HIS A 269 -16.95 3.86 -15.96
C HIS A 269 -16.58 4.86 -14.88
N GLU A 270 -17.14 6.08 -14.98
CA GLU A 270 -16.78 7.14 -14.05
C GLU A 270 -16.95 6.73 -12.59
N ALA A 271 -18.00 5.95 -12.29
CA ALA A 271 -18.25 5.59 -10.89
C ALA A 271 -17.23 4.58 -10.40
N MET A 272 -16.80 3.66 -11.27
CA MET A 272 -15.79 2.69 -10.84
C MET A 272 -14.43 3.35 -10.69
N GLU A 273 -14.06 4.22 -11.65
CA GLU A 273 -12.85 5.01 -11.49
C GLU A 273 -12.90 5.80 -10.18
N GLU A 274 -14.07 6.32 -9.84
CA GLU A 274 -14.19 7.10 -8.60
C GLU A 274 -14.01 6.21 -7.39
N ILE A 275 -14.60 5.02 -7.40
CA ILE A 275 -14.46 4.13 -6.25
C ILE A 275 -12.99 3.75 -6.05
N VAL A 276 -12.29 3.42 -7.14
CA VAL A 276 -10.87 3.11 -7.01
C VAL A 276 -10.11 4.29 -6.42
N LEU A 277 -10.39 5.49 -6.93
CA LEU A 277 -9.68 6.69 -6.47
C LEU A 277 -9.98 6.97 -5.00
N GLN A 278 -11.26 6.89 -4.61
CA GLN A 278 -11.62 7.16 -3.22
C GLN A 278 -10.95 6.17 -2.28
N CYS A 279 -10.91 4.89 -2.64
CA CYS A 279 -10.30 3.91 -1.75
C CYS A 279 -8.78 4.07 -1.73
N THR A 280 -8.20 4.49 -2.84
CA THR A 280 -6.78 4.82 -2.84
C THR A 280 -6.49 5.98 -1.89
N LYS A 281 -7.30 7.04 -1.97
CA LYS A 281 -7.10 8.18 -1.09
C LYS A 281 -7.34 7.81 0.37
N LEU A 282 -8.39 7.05 0.67
CA LEU A 282 -8.62 6.59 2.04
C LEU A 282 -7.38 5.89 2.58
N THR A 283 -6.81 4.97 1.80
CA THR A 283 -5.65 4.21 2.24
C THR A 283 -4.45 5.12 2.50
N ILE A 284 -4.21 6.07 1.62
CA ILE A 284 -3.08 7.00 1.82
C ILE A 284 -3.29 7.80 3.10
N LEU A 285 -4.47 8.37 3.29
CA LEU A 285 -4.71 9.26 4.43
C LEU A 285 -4.57 8.52 5.75
N LEU A 286 -5.21 7.34 5.87
CA LEU A 286 -5.07 6.62 7.13
C LEU A 286 -3.64 6.17 7.34
N ASN A 287 -2.91 5.88 6.26
CA ASN A 287 -1.51 5.50 6.42
C ASN A 287 -0.65 6.68 6.90
N GLU A 288 -0.99 7.90 6.47
CA GLU A 288 -0.26 9.07 6.97
C GLU A 288 -0.38 9.19 8.48
N ILE A 289 -1.57 8.94 9.03
CA ILE A 289 -1.74 8.99 10.48
C ILE A 289 -1.00 7.84 11.15
N LEU A 290 -1.24 6.60 10.67
CA LEU A 290 -0.72 5.45 11.39
C LEU A 290 0.79 5.34 11.30
N SER A 291 1.42 5.96 10.30
CA SER A 291 2.87 5.91 10.15
C SER A 291 3.57 7.13 10.72
N LEU A 292 2.82 8.05 11.34
CA LEU A 292 3.39 9.31 11.79
C LEU A 292 4.51 9.09 12.80
N GLN A 293 4.30 8.19 13.76
CA GLN A 293 5.29 7.97 14.81
C GLN A 293 6.57 7.37 14.23
N LYS A 294 6.43 6.34 13.39
CA LYS A 294 7.59 5.72 12.77
C LYS A 294 8.38 6.73 11.96
N GLU A 295 7.69 7.53 11.15
CA GLU A 295 8.40 8.47 10.29
C GLU A 295 9.03 9.61 11.08
N PHE A 296 8.32 10.13 12.09
CA PHE A 296 8.89 11.22 12.87
C PHE A 296 10.16 10.78 13.60
N ARG A 297 10.19 9.54 14.10
CA ARG A 297 11.35 9.12 14.89
C ARG A 297 12.63 9.04 14.07
N VAL A 298 12.54 8.87 12.76
CA VAL A 298 13.72 8.94 11.90
C VAL A 298 13.82 10.29 11.20
N SER A 299 13.09 11.30 11.70
CA SER A 299 13.12 12.66 11.17
C SER A 299 12.79 12.70 9.68
N GLN A 300 11.86 11.85 9.27
CA GLN A 300 11.37 11.86 7.89
C GLN A 300 10.07 12.65 7.90
N LEU A 301 10.16 13.94 7.57
CA LEU A 301 9.12 14.89 7.90
C LEU A 301 8.12 15.12 6.78
N GLU A 302 8.32 14.50 5.62
CA GLU A 302 7.34 14.57 4.54
C GLU A 302 6.18 13.60 4.80
N ASN A 303 5.48 13.88 5.89
CA ASN A 303 4.27 13.17 6.28
C ASN A 303 3.14 14.18 6.25
N LEU A 304 2.00 13.80 5.67
CA LEU A 304 0.94 14.77 5.43
C LEU A 304 0.53 15.49 6.71
N CYS A 305 0.53 14.80 7.85
CA CYS A 305 0.17 15.44 9.11
C CYS A 305 1.13 16.56 9.45
N LEU A 306 2.43 16.33 9.27
CA LEU A 306 3.42 17.37 9.56
C LEU A 306 3.38 18.49 8.52
N LEU A 307 3.05 18.17 7.27
CA LEU A 307 2.97 19.23 6.26
C LEU A 307 1.76 20.13 6.50
N PHE A 308 0.65 19.56 7.00
CA PHE A 308 -0.46 20.38 7.48
C PHE A 308 -0.02 21.33 8.59
N MET A 309 0.76 20.82 9.56
CA MET A 309 1.29 21.68 10.60
C MET A 309 2.09 22.81 10.00
N ASN A 310 2.98 22.47 9.05
CA ASN A 310 3.91 23.47 8.51
C ASN A 310 3.19 24.49 7.65
N THR A 311 2.25 24.05 6.83
CA THR A 311 1.67 24.96 5.85
C THR A 311 0.46 25.73 6.37
N TYR A 312 -0.35 25.14 7.25
CA TYR A 312 -1.56 25.78 7.73
C TYR A 312 -1.46 26.27 9.17
N ASP A 313 -0.28 26.15 9.79
CA ASP A 313 -0.05 26.58 11.17
C ASP A 313 -0.95 25.85 12.18
N MET A 314 -1.17 24.56 11.96
CA MET A 314 -1.99 23.77 12.88
C MET A 314 -1.11 22.99 13.86
N SER A 315 -1.65 22.72 15.04
CA SER A 315 -1.02 21.77 15.94
C SER A 315 -1.08 20.37 15.35
N ILE A 316 -0.31 19.44 15.93
CA ILE A 316 -0.34 18.09 15.39
C ILE A 316 -1.71 17.45 15.63
N GLU A 317 -2.36 17.78 16.76
CA GLU A 317 -3.69 17.27 17.02
C GLU A 317 -4.69 17.80 15.99
N GLN A 318 -4.63 19.11 15.71
CA GLN A 318 -5.52 19.69 14.72
C GLN A 318 -5.31 19.06 13.35
N SER A 319 -4.06 18.79 12.99
CA SER A 319 -3.76 18.25 11.66
C SER A 319 -4.30 16.84 11.51
N ILE A 320 -4.13 16.00 12.53
CA ILE A 320 -4.69 14.66 12.48
C ILE A 320 -6.20 14.71 12.39
N HIS A 321 -6.83 15.62 13.15
CA HIS A 321 -8.27 15.78 13.10
C HIS A 321 -8.73 16.13 11.68
N LYS A 322 -7.97 16.97 10.99
CA LYS A 322 -8.35 17.31 9.62
C LYS A 322 -8.18 16.12 8.69
N VAL A 323 -7.15 15.30 8.90
CA VAL A 323 -7.01 14.10 8.07
C VAL A 323 -8.17 13.16 8.29
N LEU A 324 -8.59 12.97 9.55
CA LEU A 324 -9.72 12.11 9.82
C LEU A 324 -10.99 12.65 9.17
N GLY A 325 -11.14 13.97 9.10
CA GLY A 325 -12.29 14.54 8.42
C GLY A 325 -12.28 14.25 6.94
N LEU A 326 -11.10 14.27 6.32
CA LEU A 326 -11.03 13.91 4.90
C LEU A 326 -11.33 12.43 4.70
N LEU A 327 -10.93 11.58 5.64
CA LEU A 327 -11.29 10.16 5.56
C LEU A 327 -12.80 9.97 5.52
N LYS A 328 -13.51 10.57 6.46
CA LYS A 328 -14.97 10.52 6.45
C LYS A 328 -15.54 10.98 5.11
N ASP A 329 -15.00 12.07 4.56
CA ASP A 329 -15.47 12.57 3.26
C ASP A 329 -15.34 11.51 2.17
N HIS A 330 -14.15 10.92 2.04
CA HIS A 330 -13.91 9.98 0.95
C HIS A 330 -14.73 8.71 1.12
N TYR A 331 -14.98 8.30 2.37
CA TYR A 331 -15.88 7.18 2.60
C TYR A 331 -17.27 7.48 2.06
N LYS A 332 -17.81 8.67 2.36
CA LYS A 332 -19.14 9.00 1.86
C LYS A 332 -19.17 9.15 0.34
N ILE A 333 -18.14 9.77 -0.23
CA ILE A 333 -18.08 9.93 -1.68
C ILE A 333 -18.07 8.56 -2.36
N CYS A 334 -17.34 7.62 -1.77
CA CYS A 334 -17.24 6.29 -2.35
C CYS A 334 -18.57 5.57 -2.33
N ILE A 335 -19.28 5.63 -1.20
CA ILE A 335 -20.59 4.98 -1.11
C ILE A 335 -21.56 5.61 -2.11
N GLU A 336 -21.53 6.94 -2.25
CA GLU A 336 -22.40 7.61 -3.21
C GLU A 336 -22.15 7.11 -4.63
N ALA A 337 -20.91 6.76 -4.97
CA ALA A 337 -20.62 6.32 -6.33
C ALA A 337 -21.25 4.97 -6.65
N GLU A 338 -21.49 4.14 -5.63
CA GLU A 338 -22.07 2.81 -5.88
C GLU A 338 -23.40 2.88 -6.63
N ALA A 339 -24.25 3.84 -6.27
CA ALA A 339 -25.55 3.95 -6.92
C ALA A 339 -25.43 4.31 -8.40
N ARG A 340 -24.29 4.83 -8.85
CA ARG A 340 -24.13 5.25 -10.23
C ARG A 340 -23.49 4.16 -11.12
N LEU A 341 -23.10 3.03 -10.54
CA LEU A 341 -22.45 1.97 -11.31
C LEU A 341 -23.42 1.39 -12.34
N PRO A 342 -22.91 0.89 -13.48
CA PRO A 342 -23.79 0.34 -14.52
C PRO A 342 -24.25 -1.08 -14.20
N TRP A 343 -25.03 -1.21 -13.14
CA TRP A 343 -25.60 -2.50 -12.76
C TRP A 343 -26.46 -3.04 -13.88
N SER A 344 -26.47 -4.36 -14.02
CA SER A 344 -27.23 -5.02 -15.08
C SER A 344 -28.58 -5.47 -14.55
N THR A 345 -29.61 -5.34 -15.39
CA THR A 345 -30.93 -5.88 -15.06
C THR A 345 -31.08 -7.34 -15.51
N THR A 346 -30.10 -7.90 -16.23
CA THR A 346 -30.23 -9.22 -16.80
C THR A 346 -29.06 -10.16 -16.53
N ASP A 347 -27.89 -9.66 -16.15
CA ASP A 347 -26.68 -10.46 -16.06
C ASP A 347 -26.18 -10.43 -14.62
N GLU A 348 -26.60 -11.40 -13.83
CA GLU A 348 -26.20 -11.41 -12.43
C GLU A 348 -24.74 -11.81 -12.26
N LYS A 349 -24.15 -12.52 -13.22
CA LYS A 349 -22.71 -12.77 -13.13
C LYS A 349 -21.92 -11.48 -13.24
N LEU A 350 -22.33 -10.60 -14.16
CA LEU A 350 -21.73 -9.28 -14.24
C LEU A 350 -21.88 -8.52 -12.93
N ASN A 351 -23.09 -8.53 -12.35
CA ASN A 351 -23.30 -7.80 -11.09
C ASN A 351 -22.43 -8.36 -9.98
N ASN A 352 -22.28 -9.69 -9.93
CA ASN A 352 -21.42 -10.30 -8.92
C ASN A 352 -19.98 -9.84 -9.06
N ASN A 353 -19.51 -9.71 -10.30
CA ASN A 353 -18.15 -9.23 -10.51
C ASN A 353 -18.00 -7.76 -10.10
N ILE A 354 -19.02 -6.95 -10.38
CA ILE A 354 -18.96 -5.55 -9.92
C ILE A 354 -18.91 -5.50 -8.41
N ARG A 355 -19.79 -6.26 -7.75
CA ARG A 355 -19.83 -6.24 -6.29
C ARG A 355 -18.50 -6.69 -5.70
N GLU A 356 -17.92 -7.78 -6.22
CA GLU A 356 -16.65 -8.24 -5.65
C GLU A 356 -15.53 -7.25 -5.93
N TYR A 357 -15.53 -6.61 -7.09
CA TYR A 357 -14.46 -5.66 -7.38
C TYR A 357 -14.49 -4.49 -6.41
N ILE A 358 -15.69 -3.97 -6.11
CA ILE A 358 -15.70 -2.83 -5.21
C ILE A 358 -15.45 -3.26 -3.77
N ARG A 359 -15.83 -4.48 -3.38
CA ARG A 359 -15.46 -4.95 -2.05
C ARG A 359 -13.95 -5.08 -1.93
N GLY A 360 -13.27 -5.49 -3.01
CA GLY A 360 -11.82 -5.47 -3.01
C GLY A 360 -11.24 -4.07 -2.82
N CYS A 361 -11.81 -3.09 -3.52
CA CYS A 361 -11.40 -1.70 -3.33
C CYS A 361 -11.56 -1.28 -1.87
N GLN A 362 -12.73 -1.57 -1.30
CA GLN A 362 -13.00 -1.13 0.07
C GLN A 362 -12.08 -1.81 1.06
N ARG A 363 -11.79 -3.10 0.86
CA ARG A 363 -10.90 -3.83 1.76
C ARG A 363 -9.46 -3.34 1.67
N LEU A 364 -9.09 -2.65 0.60
CA LEU A 364 -7.79 -1.98 0.60
C LEU A 364 -7.73 -0.95 1.72
N ALA A 365 -8.79 -0.16 1.88
CA ALA A 365 -8.80 0.87 2.91
C ALA A 365 -8.96 0.26 4.31
N THR A 366 -10.03 -0.51 4.53
CA THR A 366 -10.22 -1.11 5.85
C THR A 366 -9.12 -2.11 6.17
N GLY A 367 -8.63 -2.84 5.17
CA GLY A 367 -7.64 -3.86 5.43
C GLY A 367 -6.29 -3.29 5.83
N THR A 368 -5.88 -2.21 5.18
CA THR A 368 -4.63 -1.56 5.58
C THR A 368 -4.72 -1.08 7.03
N ALA A 369 -5.87 -0.53 7.42
CA ALA A 369 -6.04 -0.08 8.80
C ALA A 369 -6.08 -1.27 9.77
N CYS A 370 -6.89 -2.27 9.45
CA CYS A 370 -7.02 -3.45 10.31
C CYS A 370 -5.67 -4.12 10.53
N TRP A 371 -4.90 -4.30 9.44
CA TRP A 371 -3.57 -4.89 9.54
C TRP A 371 -2.63 -4.04 10.39
N SER A 372 -2.67 -2.71 10.20
CA SER A 372 -1.83 -1.82 11.00
C SER A 372 -2.09 -1.97 12.49
N TYR A 373 -3.34 -2.22 12.86
CA TYR A 373 -3.73 -2.45 14.25
C TYR A 373 -3.43 -3.87 14.73
N ASN A 374 -2.79 -4.70 13.90
CA ASN A 374 -2.54 -6.08 14.27
C ASN A 374 -1.11 -6.51 13.94
N CYS A 375 -0.21 -5.56 13.74
CA CYS A 375 1.20 -5.87 13.50
C CYS A 375 2.00 -4.73 14.11
N GLU A 376 3.31 -4.84 14.05
CA GLU A 376 4.15 -3.85 14.72
C GLU A 376 5.07 -3.13 13.74
N ARG A 377 4.62 -2.98 12.48
CA ARG A 377 5.39 -2.22 11.50
C ARG A 377 5.44 -0.74 11.86
N TYR A 378 4.35 -0.20 12.38
CA TYR A 378 4.21 1.23 12.59
C TYR A 378 4.34 1.64 14.05
N PHE A 379 3.92 0.78 14.98
CA PHE A 379 3.96 1.08 16.41
C PHE A 379 3.92 -0.24 17.16
N LYS A 380 4.19 -0.20 18.46
CA LYS A 380 4.02 -1.39 19.27
C LYS A 380 2.54 -1.60 19.57
N LEU A 381 2.11 -2.86 19.58
CA LEU A 381 0.68 -3.11 19.79
C LEU A 381 0.25 -2.79 21.21
N SER A 382 1.20 -2.71 22.14
CA SER A 382 0.88 -2.24 23.49
C SER A 382 0.43 -0.78 23.49
N GLN A 383 0.65 -0.05 22.40
CA GLN A 383 0.19 1.34 22.31
C GLN A 383 -1.29 1.44 22.02
N LEU A 384 -1.96 0.34 21.70
CA LEU A 384 -3.41 0.32 21.60
C LEU A 384 -4.00 0.03 22.97
N ASN A 385 -5.07 0.73 23.34
CA ASN A 385 -5.71 0.41 24.60
C ASN A 385 -6.90 -0.52 24.37
N ASP A 386 -7.63 -0.82 25.45
CA ASP A 386 -8.73 -1.77 25.38
C ASP A 386 -9.92 -1.22 24.60
N GLN A 387 -9.87 0.04 24.18
CA GLN A 387 -10.90 0.62 23.32
C GLN A 387 -10.39 0.84 21.90
N GLN A 388 -9.26 0.19 21.55
CA GLN A 388 -8.64 0.27 20.23
C GLN A 388 -8.25 1.69 19.85
N GLU A 389 -7.95 2.50 20.86
CA GLU A 389 -7.39 3.83 20.64
C GLU A 389 -5.87 3.74 20.68
N LEU A 390 -5.23 4.42 19.74
CA LEU A 390 -3.79 4.38 19.57
C LEU A 390 -3.17 5.62 20.22
N LEU A 391 -2.26 5.40 21.15
CA LEU A 391 -1.53 6.49 21.81
C LEU A 391 -0.20 6.63 21.10
N LEU A 392 -0.17 7.47 20.06
CA LEU A 392 1.07 7.81 19.40
C LEU A 392 1.97 8.58 20.35
N ASP A 393 3.28 8.37 20.22
CA ASP A 393 4.26 9.01 21.11
C ASP A 393 5.45 9.40 20.24
N LEU A 394 5.56 10.70 19.95
CA LEU A 394 6.60 11.18 19.03
C LEU A 394 7.93 11.43 19.73
N SER A 395 8.18 10.76 20.85
CA SER A 395 9.48 10.82 21.50
C SER A 395 10.52 10.05 20.70
N ARG A 396 11.78 10.45 20.87
CA ARG A 396 12.89 9.88 20.11
C ARG A 396 14.22 10.13 20.81
#